data_5YDL
#
_entry.id   5YDL
#
_cell.length_a   109.020
_cell.length_b   109.020
_cell.length_c   144.289
_cell.angle_alpha   90.00
_cell.angle_beta   90.00
_cell.angle_gamma   90.00
#
_symmetry.space_group_name_H-M   'P 43 2 2'
#
loop_
_entity.id
_entity.type
_entity.pdbx_description
1 polymer PKS
2 non-polymer '(2R)-2-methanoylhept-6-ynoic acid'
3 water water
#
_entity_poly.entity_id   1
_entity_poly.type   'polypeptide(L)'
_entity_poly.pdbx_seq_one_letter_code
;MGSHHHHHHHHGSDYDIPTTENLYFQGSGRRLVLPVSARTSGALRGQAHALARRLEERPGLRLDDVAGALRADRPALRHR
LTVSASSVPEAVEALRAAVPAVPPVPDEPPKVAFLLPGGGTQYVGMGSGLYRENDVYRDTVDRCAAVLRPALGSDLRTAL
FEEVEPGSTAAFMALFVTEYALARTLMEEGVRPDALIGHSLGEYTAACLAGVMEIDEALPVVAERIRLIASSGGATVGVA
ACADTVLPLLGEGLSLAAVNSPVACTVAGDTDAVDRLEAELTRRGVPFRRLRMPAAAHSHVLDPILESFAGHLRTLTLRP
PRIPYVTNVTGDWATDAQATDVGHWVDHTRRTVRFADGIAALWERERPVLVEIGPGDSLTKLARARLDGEGPVTVTTMRH
AKAQAADGFVLAEALGRLWSAGVDAALPHVPRP
;
_entity_poly.pdbx_strand_id   A
#
loop_
_chem_comp.id
_chem_comp.type
_chem_comp.name
_chem_comp.formula
DUV non-polymer '(2R)-2-methanoylhept-6-ynoic acid' 'C8 H10 O3'
#
# COMPACT_ATOMS: atom_id res chain seq x y z
N ASN A 22 -6.96 12.10 -22.14
CA ASN A 22 -5.66 11.77 -22.71
C ASN A 22 -4.66 11.49 -21.59
N LEU A 23 -3.82 10.47 -21.80
CA LEU A 23 -2.82 10.08 -20.82
C LEU A 23 -1.42 10.31 -21.37
N TYR A 24 -1.28 11.33 -22.22
CA TYR A 24 0.01 11.74 -22.72
C TYR A 24 0.87 12.26 -21.58
N PHE A 25 2.14 11.94 -21.63
CA PHE A 25 3.05 12.34 -20.59
C PHE A 25 3.18 13.86 -20.51
N GLN A 26 3.03 14.40 -19.29
CA GLN A 26 3.19 15.82 -19.05
C GLN A 26 4.46 16.18 -18.30
N GLY A 27 5.08 15.23 -17.61
CA GLY A 27 6.20 15.53 -16.75
C GLY A 27 5.74 16.12 -15.43
N SER A 28 6.71 16.36 -14.55
CA SER A 28 6.36 16.91 -13.25
C SER A 28 5.74 18.29 -13.41
N GLY A 29 4.93 18.66 -12.45
CA GLY A 29 4.25 19.93 -12.51
C GLY A 29 5.11 21.06 -11.98
N ARG A 30 4.42 22.10 -11.51
CA ARG A 30 5.04 23.12 -10.69
C ARG A 30 5.07 22.71 -9.22
N ARG A 31 4.45 21.57 -8.88
CA ARG A 31 4.24 21.22 -7.49
C ARG A 31 5.58 21.03 -6.78
N LEU A 32 5.76 21.73 -5.68
CA LEU A 32 6.96 21.63 -4.87
C LEU A 32 6.60 21.36 -3.42
N VAL A 33 7.55 20.76 -2.71
CA VAL A 33 7.44 20.54 -1.27
C VAL A 33 8.33 21.56 -0.59
N LEU A 34 7.78 22.28 0.39
CA LEU A 34 8.52 23.28 1.14
C LEU A 34 8.80 22.76 2.53
N PRO A 35 10.05 22.49 2.89
CA PRO A 35 10.36 22.00 4.24
C PRO A 35 10.62 23.11 5.24
N VAL A 36 10.17 22.86 6.47
CA VAL A 36 10.34 23.77 7.60
C VAL A 36 10.78 22.95 8.80
N SER A 37 11.87 23.36 9.46
CA SER A 37 12.29 22.68 10.68
C SER A 37 12.79 23.67 11.72
N ALA A 38 12.33 23.49 12.94
CA ALA A 38 12.69 24.30 14.11
C ALA A 38 13.27 23.38 15.18
N ARG A 39 13.65 23.97 16.32
CA ARG A 39 14.15 23.18 17.44
C ARG A 39 13.09 22.87 18.47
N THR A 40 11.96 23.56 18.41
CA THR A 40 10.82 23.36 19.29
C THR A 40 9.59 23.11 18.43
N SER A 41 8.66 22.31 18.95
CA SER A 41 7.34 22.26 18.33
C SER A 41 6.76 23.66 18.18
N GLY A 42 7.00 24.53 19.17
CA GLY A 42 6.48 25.88 19.18
C GLY A 42 7.13 26.80 18.17
N ALA A 43 8.45 26.69 17.99
CA ALA A 43 9.12 27.47 16.97
C ALA A 43 8.76 27.02 15.55
N LEU A 44 8.28 25.78 15.39
CA LEU A 44 7.79 25.32 14.09
C LEU A 44 6.59 26.13 13.63
N ARG A 45 5.55 26.19 14.48
CA ARG A 45 4.36 26.96 14.13
C ARG A 45 4.71 28.38 13.71
N GLY A 46 5.56 29.04 14.51
CA GLY A 46 5.89 30.43 14.22
C GLY A 46 6.71 30.58 12.96
N GLN A 47 7.71 29.72 12.78
CA GLN A 47 8.54 29.82 11.60
C GLN A 47 7.76 29.56 10.33
N ALA A 48 6.75 28.68 10.41
CA ALA A 48 5.89 28.48 9.24
C ALA A 48 5.02 29.70 8.98
N HIS A 49 4.62 30.41 10.03
CA HIS A 49 3.88 31.66 9.80
C HIS A 49 4.80 32.77 9.32
N ALA A 50 6.02 32.85 9.86
CA ALA A 50 6.99 33.81 9.36
C ALA A 50 7.21 33.65 7.86
N LEU A 51 7.47 32.43 7.42
CA LEU A 51 7.67 32.16 6.00
C LEU A 51 6.45 32.59 5.19
N ALA A 52 5.26 32.45 5.74
CA ALA A 52 4.06 32.87 5.03
C ALA A 52 4.01 34.39 4.89
N ARG A 53 4.30 35.13 5.97
CA ARG A 53 4.33 36.58 5.87
C ARG A 53 5.36 37.04 4.85
N ARG A 54 6.54 36.41 4.87
CA ARG A 54 7.63 36.80 3.98
C ARG A 54 7.25 36.62 2.51
N LEU A 55 6.54 35.53 2.18
CA LEU A 55 6.14 35.31 0.79
C LEU A 55 5.10 36.33 0.35
N GLU A 56 4.17 36.68 1.25
CA GLU A 56 3.20 37.74 0.95
C GLU A 56 3.92 39.03 0.61
N GLU A 57 4.79 39.48 1.53
CA GLU A 57 5.43 40.78 1.47
C GLU A 57 6.69 40.81 0.61
N ARG A 58 6.84 39.90 -0.36
CA ARG A 58 8.05 39.91 -1.19
C ARG A 58 7.74 39.35 -2.57
N PRO A 59 7.05 40.11 -3.43
CA PRO A 59 6.62 39.57 -4.73
C PRO A 59 7.76 39.16 -5.64
N GLY A 60 9.00 39.53 -5.31
CA GLY A 60 10.13 39.02 -6.07
C GLY A 60 10.33 37.54 -5.84
N LEU A 61 10.24 37.09 -4.58
CA LEU A 61 10.48 35.69 -4.19
C LEU A 61 9.72 34.69 -5.01
N ARG A 62 10.40 34.02 -5.94
CA ARG A 62 9.78 32.93 -6.69
C ARG A 62 9.62 31.71 -5.78
N LEU A 63 8.69 30.84 -6.16
CA LEU A 63 8.44 29.68 -5.31
C LEU A 63 9.57 28.67 -5.41
N ASP A 64 10.16 28.51 -6.60
CA ASP A 64 11.24 27.56 -6.73
C ASP A 64 12.49 28.00 -5.97
N ASP A 65 12.74 29.31 -5.87
CA ASP A 65 13.89 29.78 -5.10
C ASP A 65 13.70 29.55 -3.61
N VAL A 66 12.49 29.80 -3.10
CA VAL A 66 12.22 29.53 -1.69
C VAL A 66 12.44 28.05 -1.38
N ALA A 67 11.91 27.17 -2.24
CA ALA A 67 12.08 25.73 -2.04
C ALA A 67 13.55 25.35 -1.96
N GLY A 68 14.33 25.70 -2.99
CA GLY A 68 15.76 25.44 -2.96
C GLY A 68 16.46 26.06 -1.76
N ALA A 69 16.04 27.25 -1.38
CA ALA A 69 16.67 27.91 -0.24
C ALA A 69 16.29 27.25 1.08
N LEU A 70 15.08 26.68 1.16
CA LEU A 70 14.69 25.99 2.38
C LEU A 70 15.47 24.69 2.58
N ARG A 71 16.09 24.17 1.52
CA ARG A 71 16.93 22.99 1.60
C ARG A 71 18.39 23.34 1.84
N ALA A 72 18.95 24.26 1.05
CA ALA A 72 20.38 24.52 1.10
C ALA A 72 20.79 25.46 2.24
N ASP A 73 19.91 26.36 2.66
CA ASP A 73 20.28 27.42 3.59
C ASP A 73 19.82 27.18 5.02
N ARG A 74 19.15 26.07 5.31
CA ARG A 74 18.74 25.88 6.68
C ARG A 74 19.14 24.48 7.13
N PRO A 75 19.45 24.31 8.41
CA PRO A 75 19.75 22.97 8.93
C PRO A 75 18.46 22.19 9.14
N ALA A 76 18.49 20.91 8.77
CA ALA A 76 17.32 20.04 8.94
C ALA A 76 17.21 19.68 10.41
N LEU A 77 16.40 20.43 11.15
CA LEU A 77 16.30 20.32 12.61
C LEU A 77 15.33 19.20 13.00
N ARG A 78 15.02 19.10 14.30
CA ARG A 78 14.31 17.94 14.87
C ARG A 78 12.80 18.01 14.68
N HIS A 79 12.20 19.19 14.74
CA HIS A 79 10.76 19.37 14.60
C HIS A 79 10.48 19.86 13.18
N ARG A 80 9.71 19.07 12.43
CA ARG A 80 9.58 19.31 10.99
C ARG A 80 8.12 19.31 10.57
N LEU A 81 7.83 20.07 9.52
CA LEU A 81 6.59 19.95 8.76
C LEU A 81 6.85 20.40 7.33
N THR A 82 5.89 20.15 6.45
CA THR A 82 6.01 20.55 5.06
C THR A 82 4.67 21.03 4.56
N VAL A 83 4.72 21.80 3.48
CA VAL A 83 3.56 22.08 2.65
C VAL A 83 3.92 21.70 1.23
N SER A 84 2.90 21.38 0.43
CA SER A 84 3.01 21.22 -1.01
C SER A 84 2.32 22.39 -1.68
N ALA A 85 2.90 22.89 -2.76
CA ALA A 85 2.29 24.04 -3.40
C ALA A 85 2.74 24.12 -4.84
N SER A 86 1.80 24.43 -5.72
CA SER A 86 2.09 24.72 -7.11
C SER A 86 2.19 26.22 -7.39
N SER A 87 1.97 27.05 -6.39
CA SER A 87 2.04 28.50 -6.56
C SER A 87 2.22 29.14 -5.19
N VAL A 88 2.43 30.46 -5.21
CA VAL A 88 2.74 31.21 -4.00
C VAL A 88 1.51 31.40 -3.11
N PRO A 89 0.35 31.84 -3.61
CA PRO A 89 -0.83 31.91 -2.73
C PRO A 89 -1.17 30.57 -2.09
N GLU A 90 -1.04 29.47 -2.83
CA GLU A 90 -1.29 28.15 -2.26
C GLU A 90 -0.34 27.87 -1.10
N ALA A 91 0.96 28.13 -1.30
CA ALA A 91 1.95 27.90 -0.26
C ALA A 91 1.67 28.74 0.98
N VAL A 92 1.28 30.00 0.77
CA VAL A 92 0.99 30.90 1.88
C VAL A 92 -0.20 30.38 2.67
N GLU A 93 -1.28 30.04 1.98
CA GLU A 93 -2.47 29.48 2.61
C GLU A 93 -2.14 28.25 3.44
N ALA A 94 -1.39 27.31 2.86
CA ALA A 94 -1.06 26.08 3.57
C ALA A 94 -0.13 26.32 4.74
N LEU A 95 0.77 27.30 4.64
CA LEU A 95 1.67 27.57 5.75
C LEU A 95 0.94 28.17 6.96
N ARG A 96 -0.10 28.97 6.73
CA ARG A 96 -0.90 29.48 7.85
C ARG A 96 -1.60 28.35 8.59
N ALA A 97 -2.23 27.45 7.84
CA ALA A 97 -2.94 26.30 8.39
C ALA A 97 -2.00 25.22 8.89
N ALA A 98 -0.69 25.40 8.77
CA ALA A 98 0.24 24.32 9.02
C ALA A 98 0.30 23.97 10.50
N VAL A 99 0.08 22.70 10.80
CA VAL A 99 0.18 22.16 12.16
C VAL A 99 1.18 21.02 12.12
N PRO A 100 2.17 20.99 13.03
CA PRO A 100 3.05 19.81 13.09
C PRO A 100 2.21 18.55 13.21
N ALA A 101 2.59 17.52 12.47
CA ALA A 101 1.77 16.32 12.37
C ALA A 101 2.48 15.03 12.78
N VAL A 102 3.80 15.02 12.82
CA VAL A 102 4.55 13.82 13.23
C VAL A 102 5.42 14.22 14.41
N PRO A 103 5.85 13.25 15.21
CA PRO A 103 6.76 13.57 16.33
C PRO A 103 8.09 14.10 15.83
N PRO A 104 8.88 14.74 16.69
CA PRO A 104 10.23 15.15 16.28
C PRO A 104 11.04 13.95 15.86
N VAL A 105 11.97 14.17 14.93
CA VAL A 105 12.69 13.06 14.30
C VAL A 105 13.51 12.37 15.37
N PRO A 106 13.63 11.05 15.32
CA PRO A 106 14.44 10.33 16.32
C PRO A 106 15.93 10.57 16.08
N ASP A 107 16.71 10.22 17.10
CA ASP A 107 18.15 10.43 17.00
C ASP A 107 18.76 9.46 15.99
N GLU A 108 18.34 8.21 16.00
CA GLU A 108 18.77 7.49 14.81
C GLU A 108 17.71 7.58 13.71
N PRO A 109 18.10 7.59 12.44
CA PRO A 109 17.12 7.66 11.35
C PRO A 109 16.11 6.52 11.45
N PRO A 110 14.83 6.82 11.24
CA PRO A 110 13.80 5.78 11.37
C PRO A 110 13.91 4.70 10.29
N LYS A 111 13.44 3.51 10.63
CA LYS A 111 13.24 2.50 9.60
C LYS A 111 11.99 2.82 8.79
N VAL A 112 11.91 2.23 7.59
CA VAL A 112 10.78 2.39 6.69
C VAL A 112 10.26 1.01 6.28
N ALA A 113 8.95 0.82 6.38
CA ALA A 113 8.29 -0.38 5.89
C ALA A 113 7.25 -0.03 4.84
N PHE A 114 7.13 -0.85 3.81
CA PHE A 114 6.07 -0.74 2.81
C PHE A 114 4.96 -1.72 3.16
N LEU A 115 3.73 -1.25 3.15
CA LEU A 115 2.54 -2.07 3.38
C LEU A 115 1.79 -2.17 2.06
N LEU A 116 1.63 -3.39 1.55
CA LEU A 116 1.07 -3.60 0.23
C LEU A 116 -0.31 -4.25 0.29
N PRO A 117 -1.37 -3.50 -0.03
CA PRO A 117 -2.74 -3.99 0.16
C PRO A 117 -3.10 -5.16 -0.75
N GLY A 118 -4.16 -5.84 -0.33
CA GLY A 118 -4.79 -6.89 -1.10
C GLY A 118 -5.96 -6.39 -1.91
N GLY A 119 -6.73 -7.34 -2.45
CA GLY A 119 -7.87 -6.98 -3.27
C GLY A 119 -8.91 -6.22 -2.49
N GLY A 120 -9.61 -5.32 -3.18
CA GLY A 120 -10.67 -4.58 -2.51
C GLY A 120 -10.62 -3.09 -2.69
N THR A 121 -9.45 -2.55 -3.01
CA THR A 121 -9.27 -1.11 -3.16
C THR A 121 -9.04 -0.64 -4.58
N GLN A 122 -8.90 -1.55 -5.54
CA GLN A 122 -8.61 -1.17 -6.91
C GLN A 122 -9.76 -0.35 -7.49
N TYR A 123 -9.45 0.47 -8.49
CA TYR A 123 -10.48 1.20 -9.22
C TYR A 123 -9.90 1.70 -10.53
N VAL A 124 -10.79 1.90 -11.52
CA VAL A 124 -10.40 2.47 -12.79
C VAL A 124 -9.93 3.89 -12.60
N GLY A 125 -8.79 4.22 -13.18
CA GLY A 125 -8.21 5.54 -13.07
C GLY A 125 -7.11 5.69 -12.02
N MET A 126 -6.88 4.67 -11.20
CA MET A 126 -5.90 4.81 -10.12
C MET A 126 -4.50 4.98 -10.69
N GLY A 127 -3.76 5.93 -10.12
CA GLY A 127 -2.44 6.28 -10.58
C GLY A 127 -2.35 6.98 -11.92
N SER A 128 -3.50 7.33 -12.55
CA SER A 128 -3.44 8.00 -13.84
C SER A 128 -2.67 9.31 -13.76
N GLY A 129 -2.76 10.01 -12.63
CA GLY A 129 -1.95 11.20 -12.45
C GLY A 129 -0.46 10.89 -12.41
N LEU A 130 -0.07 9.80 -11.74
CA LEU A 130 1.35 9.47 -11.69
C LEU A 130 1.85 8.96 -13.04
N TYR A 131 0.97 8.31 -13.78
CA TYR A 131 1.29 7.83 -15.09
C TYR A 131 1.69 8.98 -16.01
N ARG A 132 1.07 10.12 -15.87
CA ARG A 132 1.44 11.25 -16.69
C ARG A 132 2.45 12.24 -16.16
N GLU A 133 2.84 12.13 -14.91
CA GLU A 133 3.81 13.03 -14.33
C GLU A 133 5.17 12.39 -14.08
N ASN A 134 5.19 11.10 -13.79
CA ASN A 134 6.37 10.46 -13.24
C ASN A 134 6.85 9.40 -14.22
N ASP A 135 8.06 9.59 -14.73
CA ASP A 135 8.52 8.70 -15.79
C ASP A 135 8.91 7.31 -15.28
N VAL A 136 9.28 7.18 -14.00
CA VAL A 136 9.48 5.83 -13.46
C VAL A 136 8.15 5.09 -13.38
N TYR A 137 7.10 5.78 -12.93
CA TYR A 137 5.77 5.17 -12.83
C TYR A 137 5.25 4.81 -14.21
N ARG A 138 5.38 5.73 -15.17
CA ARG A 138 5.01 5.46 -16.56
C ARG A 138 5.76 4.26 -17.13
N ASP A 139 7.09 4.21 -16.94
CA ASP A 139 7.88 3.13 -17.53
C ASP A 139 7.56 1.80 -16.90
N THR A 140 7.41 1.77 -15.57
CA THR A 140 7.07 0.52 -14.90
C THR A 140 5.74 -0.01 -15.39
N VAL A 141 4.73 0.86 -15.48
CA VAL A 141 3.43 0.42 -15.99
C VAL A 141 3.55 -0.10 -17.42
N ASP A 142 4.25 0.65 -18.28
CA ASP A 142 4.41 0.25 -19.67
C ASP A 142 5.08 -1.11 -19.80
N ARG A 143 6.13 -1.35 -19.02
CA ARG A 143 6.84 -2.62 -19.05
C ARG A 143 5.94 -3.77 -18.58
N CYS A 144 5.24 -3.58 -17.46
CA CYS A 144 4.38 -4.64 -16.95
C CYS A 144 3.25 -4.94 -17.94
N ALA A 145 2.69 -3.90 -18.56
CA ALA A 145 1.64 -4.12 -19.55
C ALA A 145 2.13 -4.97 -20.72
N ALA A 146 3.36 -4.75 -21.17
CA ALA A 146 3.86 -5.53 -22.31
C ALA A 146 4.14 -6.98 -21.90
N VAL A 147 4.75 -7.20 -20.74
CA VAL A 147 5.00 -8.56 -20.27
C VAL A 147 3.71 -9.35 -20.16
N LEU A 148 2.62 -8.69 -19.74
CA LEU A 148 1.37 -9.36 -19.39
C LEU A 148 0.45 -9.66 -20.57
N ARG A 149 0.66 -9.01 -21.71
CA ARG A 149 -0.22 -9.22 -22.87
C ARG A 149 -0.45 -10.69 -23.20
N PRO A 150 0.56 -11.58 -23.20
CA PRO A 150 0.27 -13.00 -23.50
C PRO A 150 -0.64 -13.67 -22.48
N ALA A 151 -0.41 -13.48 -21.18
CA ALA A 151 -1.25 -14.17 -20.20
C ALA A 151 -2.60 -13.50 -20.05
N LEU A 152 -2.65 -12.18 -20.18
CA LEU A 152 -3.89 -11.46 -19.90
C LEU A 152 -4.84 -11.45 -21.09
N GLY A 153 -4.32 -11.35 -22.31
CA GLY A 153 -5.15 -11.23 -23.48
C GLY A 153 -5.59 -9.82 -23.80
N SER A 154 -4.98 -8.81 -23.17
CA SER A 154 -5.35 -7.43 -23.41
C SER A 154 -4.22 -6.55 -22.92
N ASP A 155 -4.33 -5.26 -23.20
CA ASP A 155 -3.36 -4.27 -22.72
C ASP A 155 -3.83 -3.80 -21.36
N LEU A 156 -3.03 -4.07 -20.31
CA LEU A 156 -3.43 -3.74 -18.95
C LEU A 156 -3.81 -2.27 -18.80
N ARG A 157 -3.27 -1.39 -19.65
CA ARG A 157 -3.48 0.04 -19.45
C ARG A 157 -4.92 0.46 -19.72
N THR A 158 -5.62 -0.29 -20.60
CA THR A 158 -7.06 -0.16 -20.73
C THR A 158 -7.77 -0.36 -19.40
N ALA A 159 -7.44 -1.46 -18.69
CA ALA A 159 -8.06 -1.74 -17.41
C ALA A 159 -7.64 -0.73 -16.34
N LEU A 160 -6.40 -0.23 -16.42
CA LEU A 160 -5.92 0.71 -15.42
C LEU A 160 -6.62 2.05 -15.53
N PHE A 161 -6.83 2.54 -16.75
CA PHE A 161 -7.08 3.95 -16.99
C PHE A 161 -8.38 4.27 -17.72
N GLU A 162 -9.06 3.29 -18.31
CA GLU A 162 -10.23 3.56 -19.15
C GLU A 162 -11.46 2.83 -18.64
N GLU A 163 -11.45 1.50 -18.61
CA GLU A 163 -12.58 0.71 -18.16
C GLU A 163 -12.13 -0.71 -17.86
N VAL A 164 -12.85 -1.36 -16.94
CA VAL A 164 -12.55 -2.74 -16.58
C VAL A 164 -13.79 -3.39 -16.01
N GLU A 165 -13.94 -4.67 -16.28
CA GLU A 165 -14.92 -5.51 -15.61
C GLU A 165 -14.55 -5.71 -14.15
N PRO A 166 -15.41 -5.35 -13.18
CA PRO A 166 -15.04 -5.52 -11.77
C PRO A 166 -14.74 -6.97 -11.43
N GLY A 167 -13.71 -7.17 -10.62
CA GLY A 167 -13.35 -8.53 -10.24
C GLY A 167 -12.78 -9.40 -11.33
N SER A 168 -12.45 -8.84 -12.50
CA SER A 168 -11.85 -9.63 -13.55
C SER A 168 -10.35 -9.80 -13.29
N THR A 169 -9.74 -10.76 -14.01
CA THR A 169 -8.30 -10.92 -13.95
C THR A 169 -7.58 -9.59 -14.14
N ALA A 170 -8.01 -8.81 -15.13
CA ALA A 170 -7.35 -7.54 -15.41
C ALA A 170 -7.50 -6.56 -14.25
N ALA A 171 -8.66 -6.57 -13.59
CA ALA A 171 -8.89 -5.65 -12.48
C ALA A 171 -7.90 -5.88 -11.36
N PHE A 172 -7.60 -7.15 -11.06
CA PHE A 172 -6.66 -7.44 -9.99
C PHE A 172 -5.22 -7.24 -10.44
N MET A 173 -4.90 -7.56 -11.70
CA MET A 173 -3.57 -7.26 -12.23
C MET A 173 -3.32 -5.76 -12.25
N ALA A 174 -4.36 -4.96 -12.48
CA ALA A 174 -4.19 -3.52 -12.40
C ALA A 174 -3.72 -3.10 -11.01
N LEU A 175 -4.24 -3.74 -9.97
CA LEU A 175 -3.82 -3.40 -8.63
C LEU A 175 -2.38 -3.84 -8.37
N PHE A 176 -2.04 -5.06 -8.79
CA PHE A 176 -0.69 -5.57 -8.60
C PHE A 176 0.34 -4.65 -9.25
N VAL A 177 0.08 -4.22 -10.49
CA VAL A 177 1.05 -3.39 -11.20
C VAL A 177 1.06 -1.98 -10.63
N THR A 178 -0.08 -1.50 -10.13
CA THR A 178 -0.11 -0.20 -9.48
C THR A 178 0.75 -0.19 -8.21
N GLU A 179 0.61 -1.21 -7.37
CA GLU A 179 1.46 -1.33 -6.19
C GLU A 179 2.93 -1.37 -6.58
N TYR A 180 3.25 -2.17 -7.60
CA TYR A 180 4.64 -2.34 -7.99
C TYR A 180 5.21 -1.05 -8.54
N ALA A 181 4.47 -0.39 -9.43
CA ALA A 181 4.93 0.88 -10.02
C ALA A 181 5.08 1.96 -8.96
N LEU A 182 4.15 2.04 -8.02
CA LEU A 182 4.23 3.03 -6.96
C LEU A 182 5.45 2.80 -6.06
N ALA A 183 5.72 1.55 -5.72
CA ALA A 183 6.90 1.25 -4.90
C ALA A 183 8.19 1.61 -5.61
N ARG A 184 8.32 1.24 -6.89
CA ARG A 184 9.49 1.65 -7.67
C ARG A 184 9.62 3.17 -7.72
N THR A 185 8.49 3.87 -7.85
CA THR A 185 8.54 5.33 -7.87
C THR A 185 9.10 5.90 -6.57
N LEU A 186 8.63 5.36 -5.42
CA LEU A 186 9.16 5.80 -4.13
C LEU A 186 10.64 5.47 -3.99
N MET A 187 11.05 4.29 -4.48
CA MET A 187 12.44 3.88 -4.33
C MET A 187 13.36 4.76 -5.16
N GLU A 188 12.89 5.18 -6.33
CA GLU A 188 13.66 6.08 -7.18
C GLU A 188 13.85 7.45 -6.54
N GLU A 189 12.90 7.88 -5.70
CA GLU A 189 13.10 9.07 -4.90
C GLU A 189 14.09 8.86 -3.77
N GLY A 190 14.58 7.65 -3.57
CA GLY A 190 15.44 7.37 -2.44
C GLY A 190 14.73 6.94 -1.17
N VAL A 191 13.46 6.56 -1.25
CA VAL A 191 12.76 5.96 -0.13
C VAL A 191 12.83 4.46 -0.34
N ARG A 192 13.81 3.85 0.23
CA ARG A 192 13.87 2.42 0.04
C ARG A 192 13.45 1.71 1.32
N PRO A 193 12.63 0.68 1.22
CA PRO A 193 12.12 0.06 2.44
C PRO A 193 13.15 -0.83 3.11
N ASP A 194 13.12 -0.79 4.44
CA ASP A 194 13.87 -1.72 5.26
C ASP A 194 13.13 -3.00 5.53
N ALA A 195 11.81 -3.00 5.31
CA ALA A 195 10.99 -4.19 5.51
C ALA A 195 9.72 -4.05 4.69
N LEU A 196 9.10 -5.18 4.41
CA LEU A 196 7.90 -5.23 3.58
C LEU A 196 6.88 -6.12 4.25
N ILE A 197 5.62 -5.79 4.04
CA ILE A 197 4.54 -6.73 4.35
C ILE A 197 3.40 -6.50 3.36
N GLY A 198 2.88 -7.57 2.80
CA GLY A 198 1.76 -7.51 1.89
C GLY A 198 0.58 -8.24 2.49
N HIS A 199 -0.63 -7.82 2.10
CA HIS A 199 -1.85 -8.48 2.51
C HIS A 199 -2.36 -9.26 1.33
N SER A 200 -2.42 -10.58 1.45
CA SER A 200 -2.99 -11.42 0.42
C SER A 200 -2.22 -11.25 -0.89
N LEU A 201 -2.86 -10.65 -1.90
CA LEU A 201 -2.19 -10.38 -3.18
C LEU A 201 -0.96 -9.50 -3.03
N GLY A 202 -0.98 -8.56 -2.08
CA GLY A 202 0.16 -7.69 -1.81
C GLY A 202 1.43 -8.42 -1.42
N GLU A 203 1.31 -9.66 -0.98
CA GLU A 203 2.51 -10.44 -0.66
C GLU A 203 3.30 -10.76 -1.92
N TYR A 204 2.63 -10.90 -3.08
CA TYR A 204 3.38 -11.05 -4.33
C TYR A 204 4.17 -9.80 -4.67
N THR A 205 3.56 -8.62 -4.50
CA THR A 205 4.29 -7.40 -4.74
C THR A 205 5.51 -7.30 -3.82
N ALA A 206 5.31 -7.64 -2.55
CA ALA A 206 6.43 -7.66 -1.60
C ALA A 206 7.54 -8.58 -2.07
N ALA A 207 7.18 -9.78 -2.53
CA ALA A 207 8.17 -10.75 -2.99
C ALA A 207 8.95 -10.22 -4.20
N CYS A 208 8.27 -9.55 -5.13
CA CYS A 208 8.96 -8.93 -6.25
C CYS A 208 9.88 -7.80 -5.79
N LEU A 209 9.40 -6.95 -4.87
CA LEU A 209 10.23 -5.88 -4.36
C LEU A 209 11.43 -6.41 -3.58
N ALA A 210 11.25 -7.50 -2.82
CA ALA A 210 12.30 -8.08 -1.99
C ALA A 210 13.31 -8.90 -2.77
N GLY A 211 13.09 -9.15 -4.05
CA GLY A 211 13.99 -9.99 -4.82
C GLY A 211 13.67 -11.47 -4.80
N VAL A 212 12.64 -11.88 -4.06
CA VAL A 212 12.25 -13.28 -4.03
C VAL A 212 11.78 -13.76 -5.40
N MET A 213 11.08 -12.90 -6.14
CA MET A 213 10.58 -13.20 -7.46
C MET A 213 11.02 -12.09 -8.39
N GLU A 214 11.06 -12.40 -9.68
CA GLU A 214 11.31 -11.40 -10.71
C GLU A 214 9.98 -10.96 -11.28
N ILE A 215 9.78 -9.65 -11.37
CA ILE A 215 8.47 -9.13 -11.76
C ILE A 215 8.02 -9.71 -13.10
N ASP A 216 8.94 -9.87 -14.05
CA ASP A 216 8.53 -10.34 -15.37
C ASP A 216 8.06 -11.79 -15.35
N GLU A 217 8.60 -12.63 -14.46
CA GLU A 217 8.08 -13.98 -14.32
C GLU A 217 6.84 -14.03 -13.45
N ALA A 218 6.74 -13.13 -12.47
CA ALA A 218 5.60 -13.14 -11.55
C ALA A 218 4.31 -12.72 -12.26
N LEU A 219 4.38 -11.72 -13.13
CA LEU A 219 3.20 -11.15 -13.79
C LEU A 219 2.28 -12.23 -14.38
N PRO A 220 2.74 -13.09 -15.30
CA PRO A 220 1.79 -14.09 -15.85
C PRO A 220 1.33 -15.11 -14.83
N VAL A 221 2.16 -15.46 -13.87
CA VAL A 221 1.80 -16.45 -12.87
C VAL A 221 0.72 -15.90 -11.95
N VAL A 222 0.84 -14.64 -11.53
CA VAL A 222 -0.20 -14.03 -10.70
C VAL A 222 -1.51 -13.98 -11.45
N ALA A 223 -1.45 -13.69 -12.76
CA ALA A 223 -2.65 -13.62 -13.58
C ALA A 223 -3.37 -14.96 -13.64
N GLU A 224 -2.63 -16.06 -13.92
CA GLU A 224 -3.25 -17.37 -13.94
C GLU A 224 -3.74 -17.78 -12.56
N ARG A 225 -3.03 -17.35 -11.52
CA ARG A 225 -3.50 -17.60 -10.15
C ARG A 225 -4.85 -16.96 -9.91
N ILE A 226 -5.02 -15.69 -10.30
CA ILE A 226 -6.30 -14.99 -10.14
C ILE A 226 -7.42 -15.75 -10.85
N ARG A 227 -7.16 -16.19 -12.09
CA ARG A 227 -8.17 -16.97 -12.82
C ARG A 227 -8.55 -18.23 -12.07
N LEU A 228 -7.57 -18.96 -11.55
CA LEU A 228 -7.89 -20.21 -10.85
C LEU A 228 -8.65 -19.94 -9.56
N ILE A 229 -8.34 -18.85 -8.87
CA ILE A 229 -9.11 -18.51 -7.67
C ILE A 229 -10.54 -18.12 -8.05
N ALA A 230 -10.68 -17.23 -9.04
CA ALA A 230 -12.01 -16.76 -9.42
C ALA A 230 -12.89 -17.91 -9.89
N SER A 231 -12.32 -18.88 -10.60
CA SER A 231 -13.15 -19.94 -11.14
C SER A 231 -13.53 -20.97 -10.10
N SER A 232 -12.97 -20.89 -8.89
CA SER A 232 -13.32 -21.81 -7.83
C SER A 232 -14.64 -21.47 -7.12
N GLY A 233 -15.26 -20.33 -7.41
CA GLY A 233 -16.50 -19.87 -6.81
C GLY A 233 -16.39 -19.58 -5.32
N GLY A 234 -17.55 -19.64 -4.65
CA GLY A 234 -17.64 -19.37 -3.22
C GLY A 234 -17.85 -17.89 -2.91
N ALA A 235 -17.73 -17.56 -1.63
CA ALA A 235 -18.02 -16.20 -1.21
C ALA A 235 -17.15 -15.84 -0.01
N THR A 236 -16.98 -14.54 0.19
CA THR A 236 -16.20 -14.02 1.30
C THR A 236 -16.99 -12.92 2.00
N VAL A 237 -16.98 -12.94 3.34
CA VAL A 237 -17.62 -11.92 4.15
C VAL A 237 -16.57 -11.28 5.07
N GLY A 238 -16.55 -9.96 5.11
CA GLY A 238 -15.70 -9.23 6.05
C GLY A 238 -16.51 -8.93 7.30
N VAL A 239 -15.95 -9.30 8.45
CA VAL A 239 -16.63 -9.18 9.73
C VAL A 239 -15.88 -8.20 10.62
N ALA A 240 -16.60 -7.20 11.15
CA ALA A 240 -16.00 -6.20 12.04
C ALA A 240 -15.99 -6.73 13.46
N ALA A 241 -15.14 -7.73 13.70
CA ALA A 241 -14.95 -8.27 15.03
C ALA A 241 -13.66 -9.08 15.04
N CYS A 242 -13.10 -9.26 16.23
CA CYS A 242 -11.88 -10.06 16.28
C CYS A 242 -12.17 -11.54 16.03
N ALA A 243 -11.14 -12.26 15.59
CA ALA A 243 -11.32 -13.64 15.15
C ALA A 243 -11.78 -14.55 16.28
N ASP A 244 -11.38 -14.25 17.53
CA ASP A 244 -11.82 -15.06 18.67
C ASP A 244 -13.33 -15.03 18.85
N THR A 245 -13.96 -13.90 18.55
CA THR A 245 -15.43 -13.85 18.61
C THR A 245 -16.04 -14.63 17.46
N VAL A 246 -15.42 -14.57 16.29
CA VAL A 246 -15.98 -15.16 15.08
C VAL A 246 -15.75 -16.67 15.02
N LEU A 247 -14.59 -17.16 15.46
CA LEU A 247 -14.25 -18.57 15.30
C LEU A 247 -15.31 -19.56 15.77
N PRO A 248 -15.96 -19.41 16.93
CA PRO A 248 -16.95 -20.42 17.35
C PRO A 248 -18.12 -20.59 16.39
N LEU A 249 -18.40 -19.59 15.56
CA LEU A 249 -19.53 -19.59 14.64
C LEU A 249 -19.26 -20.32 13.32
N LEU A 250 -18.04 -20.82 13.09
CA LEU A 250 -17.68 -21.53 11.84
C LEU A 250 -17.51 -23.01 12.16
N GLY A 251 -18.23 -23.93 11.53
CA GLY A 251 -18.95 -23.74 10.29
C GLY A 251 -18.33 -24.78 9.38
N GLU A 252 -18.99 -25.91 9.17
CA GLU A 252 -18.60 -26.74 8.05
C GLU A 252 -18.86 -25.95 6.79
N GLY A 253 -17.87 -25.92 5.90
CA GLY A 253 -17.94 -25.10 4.72
C GLY A 253 -17.36 -23.71 4.84
N LEU A 254 -16.66 -23.39 5.94
CA LEU A 254 -16.18 -22.04 6.19
C LEU A 254 -14.75 -22.09 6.70
N SER A 255 -13.92 -21.17 6.22
CA SER A 255 -12.57 -21.00 6.73
C SER A 255 -12.37 -19.54 7.16
N LEU A 256 -11.52 -19.37 8.14
CA LEU A 256 -11.05 -18.04 8.51
C LEU A 256 -10.07 -17.61 7.43
N ALA A 257 -10.48 -16.64 6.64
CA ALA A 257 -9.72 -16.23 5.47
C ALA A 257 -8.65 -15.20 5.80
N ALA A 258 -8.88 -14.32 6.79
CA ALA A 258 -7.93 -13.31 7.19
C ALA A 258 -8.22 -12.92 8.63
N VAL A 259 -7.16 -12.71 9.40
CA VAL A 259 -7.24 -12.17 10.74
C VAL A 259 -6.53 -10.82 10.68
N ASN A 260 -7.29 -9.73 10.66
CA ASN A 260 -6.72 -8.47 10.20
C ASN A 260 -6.40 -7.48 11.32
N SER A 261 -7.19 -7.44 12.40
CA SER A 261 -6.98 -6.49 13.50
C SER A 261 -7.95 -6.85 14.60
N PRO A 262 -7.84 -6.25 15.80
CA PRO A 262 -8.80 -6.59 16.87
C PRO A 262 -10.27 -6.38 16.51
N VAL A 263 -10.59 -5.71 15.40
CA VAL A 263 -11.98 -5.51 15.03
C VAL A 263 -12.23 -5.89 13.56
N ALA A 264 -11.41 -6.76 13.00
CA ALA A 264 -11.56 -7.09 11.58
C ALA A 264 -11.02 -8.49 11.29
N CYS A 265 -11.86 -9.29 10.66
CA CYS A 265 -11.42 -10.54 10.08
C CYS A 265 -12.34 -10.81 8.89
N THR A 266 -12.02 -11.85 8.12
CA THR A 266 -12.85 -12.23 6.98
C THR A 266 -13.05 -13.74 6.98
N VAL A 267 -14.19 -14.17 6.45
CA VAL A 267 -14.54 -15.57 6.41
C VAL A 267 -14.93 -15.91 4.98
N ALA A 268 -14.49 -17.07 4.51
CA ALA A 268 -14.71 -17.50 3.14
C ALA A 268 -15.14 -18.96 3.13
N GLY A 269 -15.90 -19.34 2.14
CA GLY A 269 -16.39 -20.70 1.96
C GLY A 269 -17.42 -20.77 0.86
N ASP A 270 -18.22 -21.82 0.83
CA ASP A 270 -19.23 -21.90 -0.18
C ASP A 270 -20.34 -20.93 0.16
N THR A 271 -21.03 -20.46 -0.83
CA THR A 271 -22.05 -19.49 -0.65
C THR A 271 -23.14 -19.81 0.35
N ASP A 272 -23.63 -21.02 0.38
CA ASP A 272 -24.69 -21.34 1.34
C ASP A 272 -24.20 -21.26 2.78
N ALA A 273 -22.98 -21.74 3.05
CA ALA A 273 -22.46 -21.64 4.40
C ALA A 273 -22.25 -20.18 4.82
N VAL A 274 -21.80 -19.34 3.88
CA VAL A 274 -21.63 -17.93 4.18
C VAL A 274 -22.97 -17.27 4.48
N ASP A 275 -23.99 -17.59 3.67
CA ASP A 275 -25.36 -17.12 3.94
C ASP A 275 -25.77 -17.43 5.36
N ARG A 276 -25.52 -18.66 5.81
CA ARG A 276 -25.93 -19.06 7.15
C ARG A 276 -25.14 -18.31 8.21
N LEU A 277 -23.83 -18.12 7.98
CA LEU A 277 -23.03 -17.36 8.95
C LEU A 277 -23.55 -15.94 9.10
N GLU A 278 -23.88 -15.28 7.99
CA GLU A 278 -24.37 -13.91 8.04
C GLU A 278 -25.68 -13.80 8.83
N ALA A 279 -26.52 -14.80 8.77
CA ALA A 279 -27.75 -14.82 9.52
C ALA A 279 -27.49 -14.90 11.02
N GLU A 280 -26.51 -15.69 11.42
CA GLU A 280 -26.11 -15.84 12.79
C GLU A 280 -25.37 -14.60 13.29
N LEU A 281 -24.63 -13.93 12.42
CA LEU A 281 -23.92 -12.74 12.79
C LEU A 281 -24.92 -11.65 13.00
N THR A 282 -25.91 -11.64 12.15
CA THR A 282 -26.97 -10.67 12.26
C THR A 282 -27.81 -10.89 13.52
N ARG A 283 -27.99 -12.13 13.95
CA ARG A 283 -28.69 -12.41 15.21
C ARG A 283 -27.91 -12.05 16.45
N ARG A 284 -26.61 -11.83 16.34
CA ARG A 284 -25.76 -11.47 17.47
C ARG A 284 -25.32 -10.00 17.43
N GLY A 285 -25.84 -9.22 16.50
CA GLY A 285 -25.39 -7.85 16.33
C GLY A 285 -23.96 -7.68 15.87
N VAL A 286 -23.37 -8.68 15.22
CA VAL A 286 -22.01 -8.53 14.70
C VAL A 286 -22.09 -7.85 13.35
N PRO A 287 -21.47 -6.69 13.16
CA PRO A 287 -21.48 -6.07 11.83
C PRO A 287 -20.58 -6.79 10.84
N PHE A 288 -21.02 -6.80 9.58
CA PHE A 288 -20.35 -7.59 8.55
C PHE A 288 -20.74 -7.00 7.20
N ARG A 289 -19.97 -7.33 6.18
CA ARG A 289 -20.39 -6.97 4.84
C ARG A 289 -19.84 -8.00 3.86
N ARG A 290 -20.71 -8.52 3.01
CA ARG A 290 -20.29 -9.42 1.95
C ARG A 290 -19.31 -8.71 1.04
N LEU A 291 -18.16 -9.32 0.79
CA LEU A 291 -17.24 -8.74 -0.18
C LEU A 291 -17.78 -8.94 -1.59
N ARG A 292 -17.48 -7.97 -2.47
CA ARG A 292 -18.10 -7.96 -3.80
C ARG A 292 -17.60 -9.12 -4.65
N MET A 293 -16.29 -9.39 -4.63
CA MET A 293 -15.72 -10.51 -5.37
C MET A 293 -16.34 -11.83 -4.93
N PRO A 294 -17.17 -12.60 -5.90
CA PRO A 294 -17.64 -13.94 -5.48
C PRO A 294 -16.52 -14.96 -5.61
N ALA A 295 -15.59 -14.91 -4.66
CA ALA A 295 -14.53 -15.89 -4.57
C ALA A 295 -14.31 -16.20 -3.10
N ALA A 296 -13.52 -17.24 -2.86
CA ALA A 296 -13.24 -17.71 -1.52
C ALA A 296 -11.76 -18.04 -1.39
N ALA A 297 -10.92 -17.08 -1.76
CA ALA A 297 -9.50 -17.14 -1.47
C ALA A 297 -9.27 -17.45 0.01
N HIS A 298 -8.24 -18.24 0.28
CA HIS A 298 -7.78 -18.56 1.63
C HIS A 298 -8.78 -19.45 2.36
N SER A 299 -9.33 -20.42 1.63
CA SER A 299 -10.27 -21.36 2.18
C SER A 299 -10.18 -22.69 1.43
N HIS A 300 -10.81 -23.70 2.03
CA HIS A 300 -10.88 -25.04 1.44
C HIS A 300 -11.44 -25.03 0.02
N VAL A 301 -12.23 -24.02 -0.35
CA VAL A 301 -12.78 -23.97 -1.71
C VAL A 301 -11.69 -24.02 -2.79
N LEU A 302 -10.46 -23.64 -2.44
CA LEU A 302 -9.38 -23.61 -3.41
C LEU A 302 -8.68 -24.95 -3.58
N ASP A 303 -8.92 -25.92 -2.70
CA ASP A 303 -8.25 -27.23 -2.77
C ASP A 303 -8.19 -27.82 -4.18
N PRO A 304 -9.28 -27.88 -4.96
CA PRO A 304 -9.17 -28.49 -6.30
C PRO A 304 -8.18 -27.83 -7.25
N ILE A 305 -7.64 -26.65 -6.96
CA ILE A 305 -6.76 -26.01 -7.94
C ILE A 305 -5.35 -25.81 -7.40
N LEU A 306 -5.03 -26.35 -6.22
CA LEU A 306 -3.75 -26.07 -5.59
C LEU A 306 -2.59 -26.67 -6.38
N GLU A 307 -2.72 -27.92 -6.83
CA GLU A 307 -1.66 -28.57 -7.58
C GLU A 307 -1.43 -27.90 -8.92
N SER A 308 -2.51 -27.57 -9.62
CA SER A 308 -2.34 -26.85 -10.86
C SER A 308 -1.68 -25.50 -10.62
N PHE A 309 -1.97 -24.89 -9.48
CA PHE A 309 -1.36 -23.61 -9.17
C PHE A 309 0.13 -23.79 -8.91
N ALA A 310 0.49 -24.85 -8.19
CA ALA A 310 1.89 -25.16 -7.96
C ALA A 310 2.68 -25.29 -9.27
N GLY A 311 2.06 -25.90 -10.29
CA GLY A 311 2.72 -26.01 -11.57
C GLY A 311 3.13 -24.66 -12.14
N HIS A 312 2.26 -23.65 -11.99
CA HIS A 312 2.65 -22.30 -12.35
C HIS A 312 3.73 -21.75 -11.43
N LEU A 313 3.63 -22.05 -10.14
CA LEU A 313 4.65 -21.57 -9.22
C LEU A 313 6.02 -22.13 -9.58
N ARG A 314 6.07 -23.37 -10.08
CA ARG A 314 7.31 -23.98 -10.50
C ARG A 314 7.97 -23.28 -11.69
N THR A 315 7.30 -22.36 -12.37
CA THR A 315 7.99 -21.62 -13.42
C THR A 315 8.81 -20.46 -12.85
N LEU A 316 8.65 -20.13 -11.59
CA LEU A 316 9.34 -19.00 -11.01
C LEU A 316 10.73 -19.39 -10.55
N THR A 317 11.69 -18.49 -10.78
CA THR A 317 12.99 -18.56 -10.12
C THR A 317 12.90 -17.84 -8.76
N LEU A 318 12.83 -18.60 -7.67
CA LEU A 318 12.70 -18.05 -6.33
C LEU A 318 14.08 -17.90 -5.69
N ARG A 319 14.34 -16.74 -5.11
CA ARG A 319 15.59 -16.40 -4.47
C ARG A 319 15.31 -15.92 -3.05
N PRO A 320 16.28 -16.04 -2.16
CA PRO A 320 16.09 -15.54 -0.80
C PRO A 320 15.86 -14.04 -0.81
N PRO A 321 15.13 -13.51 0.16
CA PRO A 321 14.82 -12.08 0.14
C PRO A 321 16.04 -11.21 0.44
N ARG A 322 16.19 -10.16 -0.33
CA ARG A 322 17.22 -9.16 -0.07
C ARG A 322 16.70 -7.95 0.69
N ILE A 323 15.39 -7.79 0.78
CA ILE A 323 14.74 -6.96 1.77
C ILE A 323 13.88 -7.90 2.62
N PRO A 324 13.97 -7.84 3.94
CA PRO A 324 13.16 -8.74 4.77
C PRO A 324 11.66 -8.41 4.65
N TYR A 325 10.85 -9.46 4.78
CA TYR A 325 9.41 -9.28 4.69
C TYR A 325 8.73 -10.32 5.59
N VAL A 326 7.59 -9.95 6.19
CA VAL A 326 6.82 -10.93 6.92
C VAL A 326 5.73 -11.47 5.99
N THR A 327 5.51 -12.78 6.06
CA THR A 327 4.53 -13.47 5.22
C THR A 327 3.25 -13.66 6.00
N ASN A 328 2.12 -13.60 5.30
CA ASN A 328 0.86 -13.83 5.99
C ASN A 328 0.63 -15.28 6.38
N VAL A 329 1.48 -16.22 5.92
CA VAL A 329 1.29 -17.61 6.31
C VAL A 329 1.47 -17.78 7.81
N THR A 330 2.54 -17.20 8.36
CA THR A 330 2.87 -17.34 9.78
C THR A 330 2.66 -16.06 10.56
N GLY A 331 2.42 -14.94 9.88
CA GLY A 331 2.44 -13.67 10.56
C GLY A 331 3.78 -13.34 11.15
N ASP A 332 4.86 -13.80 10.54
CA ASP A 332 6.20 -13.58 11.05
C ASP A 332 7.15 -13.38 9.87
N TRP A 333 8.38 -12.97 10.16
CA TRP A 333 9.40 -12.86 9.14
C TRP A 333 9.54 -14.14 8.33
N ALA A 334 9.60 -13.99 7.01
CA ALA A 334 9.79 -15.13 6.12
C ALA A 334 11.23 -15.60 6.14
N THR A 335 11.42 -16.92 6.28
CA THR A 335 12.73 -17.53 6.18
C THR A 335 13.12 -17.70 4.73
N ASP A 336 14.43 -17.77 4.49
CA ASP A 336 14.92 -18.08 3.15
C ASP A 336 14.32 -19.38 2.62
N ALA A 337 14.14 -20.38 3.51
CA ALA A 337 13.59 -21.66 3.09
C ALA A 337 12.13 -21.52 2.67
N GLN A 338 11.35 -20.71 3.39
CA GLN A 338 9.96 -20.45 3.02
C GLN A 338 9.88 -19.66 1.72
N ALA A 339 10.64 -18.57 1.62
CA ALA A 339 10.58 -17.71 0.45
C ALA A 339 10.86 -18.48 -0.83
N THR A 340 11.66 -19.53 -0.76
CA THR A 340 12.10 -20.23 -1.95
C THR A 340 11.35 -21.54 -2.17
N ASP A 341 10.31 -21.81 -1.40
CA ASP A 341 9.60 -23.08 -1.38
C ASP A 341 8.24 -22.93 -2.06
N VAL A 342 7.98 -23.79 -3.06
CA VAL A 342 6.72 -23.73 -3.80
C VAL A 342 5.54 -24.02 -2.88
N GLY A 343 5.69 -24.99 -1.98
CA GLY A 343 4.62 -25.38 -1.09
C GLY A 343 4.25 -24.31 -0.08
N HIS A 344 5.23 -23.50 0.33
CA HIS A 344 4.91 -22.34 1.16
C HIS A 344 4.07 -21.34 0.38
N TRP A 345 4.43 -21.06 -0.87
CA TRP A 345 3.61 -20.18 -1.68
C TRP A 345 2.23 -20.79 -1.94
N VAL A 346 2.13 -22.11 -1.98
CA VAL A 346 0.82 -22.73 -2.05
C VAL A 346 0.05 -22.47 -0.75
N ASP A 347 0.72 -22.65 0.39
CA ASP A 347 0.13 -22.29 1.68
C ASP A 347 -0.32 -20.85 1.71
N HIS A 348 0.47 -19.94 1.16
CA HIS A 348 0.06 -18.55 1.16
C HIS A 348 -1.32 -18.37 0.52
N THR A 349 -1.60 -19.11 -0.55
CA THR A 349 -2.88 -18.99 -1.24
C THR A 349 -4.02 -19.68 -0.50
N ARG A 350 -3.74 -20.79 0.20
CA ARG A 350 -4.75 -21.62 0.83
C ARG A 350 -5.10 -21.18 2.26
N ARG A 351 -4.13 -20.67 3.00
CA ARG A 351 -4.24 -20.49 4.45
C ARG A 351 -4.61 -19.06 4.83
N THR A 352 -5.11 -18.93 6.05
CA THR A 352 -5.46 -17.65 6.63
C THR A 352 -4.35 -16.64 6.43
N VAL A 353 -4.74 -15.44 6.00
CA VAL A 353 -3.84 -14.28 5.99
C VAL A 353 -3.71 -13.78 7.44
N ARG A 354 -2.56 -14.02 8.06
CA ARG A 354 -2.31 -13.60 9.45
C ARG A 354 -1.71 -12.19 9.46
N PHE A 355 -2.50 -11.23 9.02
CA PHE A 355 -1.94 -9.89 8.88
C PHE A 355 -1.75 -9.18 10.23
N ALA A 356 -2.71 -9.33 11.15
CA ALA A 356 -2.59 -8.71 12.48
C ALA A 356 -1.32 -9.16 13.19
N ASP A 357 -1.04 -10.47 13.18
CA ASP A 357 0.21 -10.98 13.75
C ASP A 357 1.42 -10.43 13.01
N GLY A 358 1.33 -10.37 11.68
CA GLY A 358 2.48 -9.94 10.89
C GLY A 358 2.83 -8.48 11.10
N ILE A 359 1.83 -7.61 11.21
CA ILE A 359 2.09 -6.19 11.43
C ILE A 359 2.68 -5.99 12.83
N ALA A 360 2.32 -6.84 13.79
CA ALA A 360 2.93 -6.76 15.12
C ALA A 360 4.37 -7.29 15.12
N ALA A 361 4.63 -8.35 14.35
CA ALA A 361 6.00 -8.82 14.21
C ALA A 361 6.87 -7.76 13.53
N LEU A 362 6.33 -7.09 12.52
CA LEU A 362 7.08 -6.07 11.80
C LEU A 362 7.39 -4.89 12.70
N TRP A 363 6.43 -4.52 13.53
CA TRP A 363 6.55 -3.34 14.39
C TRP A 363 7.53 -3.59 15.53
N GLU A 364 7.42 -4.73 16.19
CA GLU A 364 8.28 -5.04 17.34
C GLU A 364 9.75 -4.99 16.97
N ARG A 365 10.12 -5.48 15.78
CA ARG A 365 11.53 -5.47 15.42
C ARG A 365 12.01 -4.07 15.10
N GLU A 366 11.37 -3.39 14.14
CA GLU A 366 11.93 -2.15 13.61
C GLU A 366 11.31 -0.87 14.18
N ARG A 367 10.09 -0.91 14.72
CA ARG A 367 9.28 0.29 14.98
C ARG A 367 9.30 1.26 13.80
N PRO A 368 9.10 0.77 12.58
CA PRO A 368 9.35 1.63 11.41
C PRO A 368 8.17 2.55 11.10
N VAL A 369 8.49 3.59 10.31
CA VAL A 369 7.44 4.33 9.62
C VAL A 369 6.72 3.36 8.70
N LEU A 370 5.38 3.39 8.75
CA LEU A 370 4.56 2.46 7.98
C LEU A 370 3.98 3.19 6.76
N VAL A 371 4.39 2.77 5.58
CA VAL A 371 4.05 3.46 4.35
C VAL A 371 3.17 2.52 3.54
N GLU A 372 1.90 2.89 3.38
CA GLU A 372 0.98 2.12 2.55
C GLU A 372 1.27 2.41 1.08
N ILE A 373 1.52 1.36 0.31
CA ILE A 373 1.89 1.47 -1.09
C ILE A 373 0.76 0.89 -1.95
N GLY A 374 -0.13 1.75 -2.40
CA GLY A 374 -1.33 1.31 -3.09
C GLY A 374 -2.47 2.23 -2.76
N PRO A 375 -3.63 2.01 -3.37
CA PRO A 375 -4.74 2.95 -3.22
C PRO A 375 -5.43 2.77 -1.88
N GLY A 376 -5.64 3.88 -1.18
CA GLY A 376 -6.44 3.91 0.02
C GLY A 376 -5.63 3.74 1.28
N ASP A 377 -6.33 3.38 2.36
CA ASP A 377 -5.72 3.32 3.68
C ASP A 377 -6.19 2.10 4.46
N SER A 378 -6.49 1.00 3.77
CA SER A 378 -7.01 -0.17 4.45
C SER A 378 -6.00 -0.79 5.41
N LEU A 379 -4.73 -0.94 4.99
CA LEU A 379 -3.75 -1.53 5.90
C LEU A 379 -3.37 -0.57 7.01
N THR A 380 -3.36 0.74 6.71
CA THR A 380 -3.08 1.76 7.70
C THR A 380 -4.05 1.69 8.88
N LYS A 381 -5.35 1.54 8.60
CA LYS A 381 -6.34 1.42 9.66
C LYS A 381 -6.13 0.16 10.47
N LEU A 382 -5.86 -0.96 9.81
CA LEU A 382 -5.60 -2.20 10.54
C LEU A 382 -4.35 -2.08 11.41
N ALA A 383 -3.28 -1.46 10.88
CA ALA A 383 -2.06 -1.26 11.67
C ALA A 383 -2.35 -0.41 12.90
N ARG A 384 -3.08 0.70 12.73
CA ARG A 384 -3.42 1.55 13.86
C ARG A 384 -4.24 0.81 14.91
N ALA A 385 -5.22 0.00 14.49
CA ALA A 385 -5.99 -0.79 15.45
C ALA A 385 -5.11 -1.81 16.15
N ARG A 386 -4.21 -2.47 15.43
CA ARG A 386 -3.40 -3.52 16.04
C ARG A 386 -2.29 -2.95 16.91
N LEU A 387 -1.70 -1.82 16.51
CA LEU A 387 -0.54 -1.28 17.19
C LEU A 387 -0.91 -0.20 18.19
N ASP A 388 -2.18 0.03 18.42
CA ASP A 388 -2.65 0.88 19.50
C ASP A 388 -2.07 0.35 20.84
N GLY A 389 -1.50 1.21 21.69
CA GLY A 389 -1.19 2.59 21.43
C GLY A 389 0.32 2.68 21.54
N GLU A 390 1.00 2.11 20.56
CA GLU A 390 2.43 2.27 20.36
C GLU A 390 2.77 3.55 19.60
N GLY A 391 1.74 4.27 19.13
CA GLY A 391 1.93 5.45 18.32
C GLY A 391 2.75 5.25 17.06
N PRO A 392 2.32 4.36 16.15
CA PRO A 392 3.02 4.25 14.87
C PRO A 392 2.82 5.50 14.03
N VAL A 393 3.84 5.83 13.25
CA VAL A 393 3.71 6.89 12.25
C VAL A 393 3.33 6.22 10.94
N THR A 394 2.25 6.69 10.32
CA THR A 394 1.74 6.06 9.11
C THR A 394 1.71 7.08 8.00
N VAL A 395 1.98 6.60 6.78
CA VAL A 395 1.98 7.45 5.61
C VAL A 395 1.18 6.75 4.52
N THR A 396 0.32 7.51 3.91
CA THR A 396 -0.54 7.07 2.84
C THR A 396 -0.09 7.72 1.53
N THR A 397 -0.28 7.00 0.45
CA THR A 397 0.50 7.22 -0.75
C THR A 397 -0.36 7.35 -2.01
N MET A 398 -1.62 6.93 -1.97
CA MET A 398 -2.48 7.02 -3.14
C MET A 398 -3.92 7.09 -2.66
N ARG A 399 -4.70 7.96 -3.30
CA ARG A 399 -6.06 8.26 -2.86
C ARG A 399 -7.04 7.11 -3.09
N HIS A 400 -8.11 7.11 -2.28
CA HIS A 400 -9.30 6.30 -2.51
C HIS A 400 -10.00 6.71 -3.80
N ALA A 401 -10.85 5.80 -4.29
CA ALA A 401 -11.55 5.99 -5.55
C ALA A 401 -12.32 7.31 -5.63
N LYS A 402 -13.02 7.67 -4.58
CA LYS A 402 -13.81 8.90 -4.62
C LYS A 402 -13.08 10.20 -4.38
N ALA A 403 -11.89 10.17 -3.82
CA ALA A 403 -11.16 11.39 -3.52
C ALA A 403 -10.90 12.34 -4.67
N GLN A 404 -11.00 13.62 -4.41
CA GLN A 404 -10.79 14.64 -5.41
C GLN A 404 -9.36 15.14 -5.56
N ALA A 405 -8.47 14.75 -4.68
CA ALA A 405 -7.10 15.18 -4.77
C ALA A 405 -6.32 14.61 -5.93
N ALA A 406 -5.41 15.39 -6.49
CA ALA A 406 -4.57 14.94 -7.58
C ALA A 406 -3.54 13.93 -7.08
N ASP A 407 -3.26 12.91 -7.89
CA ASP A 407 -2.30 11.88 -7.51
C ASP A 407 -0.96 12.48 -7.12
N GLY A 408 -0.49 13.49 -7.86
CA GLY A 408 0.80 14.07 -7.59
C GLY A 408 0.82 14.89 -6.34
N PHE A 409 -0.31 15.52 -5.99
CA PHE A 409 -0.44 16.15 -4.70
C PHE A 409 -0.35 15.11 -3.58
N VAL A 410 -1.09 14.02 -3.71
CA VAL A 410 -1.07 12.99 -2.68
C VAL A 410 0.35 12.46 -2.49
N LEU A 411 1.08 12.27 -3.60
CA LEU A 411 2.45 11.77 -3.51
C LEU A 411 3.38 12.79 -2.88
N ALA A 412 3.25 14.06 -3.26
CA ALA A 412 4.09 15.10 -2.69
C ALA A 412 3.89 15.21 -1.18
N GLU A 413 2.63 15.15 -0.73
CA GLU A 413 2.34 15.12 0.70
C GLU A 413 3.01 13.94 1.38
N ALA A 414 2.93 12.75 0.78
CA ALA A 414 3.55 11.57 1.37
C ALA A 414 5.04 11.81 1.56
N LEU A 415 5.71 12.32 0.51
CA LEU A 415 7.15 12.52 0.57
C LEU A 415 7.53 13.61 1.58
N GLY A 416 6.78 14.71 1.63
CA GLY A 416 7.01 15.70 2.67
C GLY A 416 6.88 15.11 4.06
N ARG A 417 5.80 14.37 4.30
CA ARG A 417 5.56 13.77 5.60
C ARG A 417 6.65 12.78 5.96
N LEU A 418 7.13 12.01 4.99
CA LEU A 418 8.24 11.10 5.23
C LEU A 418 9.49 11.88 5.64
N TRP A 419 9.75 13.01 4.98
CA TRP A 419 10.87 13.85 5.39
C TRP A 419 10.66 14.39 6.80
N SER A 420 9.42 14.81 7.13
CA SER A 420 9.13 15.31 8.47
C SER A 420 9.34 14.25 9.54
N ALA A 421 9.11 12.98 9.21
CA ALA A 421 9.35 11.91 10.18
C ALA A 421 10.82 11.54 10.30
N GLY A 422 11.68 12.07 9.43
CA GLY A 422 13.10 11.80 9.54
C GLY A 422 13.71 11.00 8.42
N VAL A 423 12.98 10.80 7.33
CA VAL A 423 13.47 10.06 6.16
C VAL A 423 13.94 11.12 5.16
N ASP A 424 15.18 11.57 5.35
CA ASP A 424 15.65 12.77 4.65
C ASP A 424 15.65 12.60 3.14
N ALA A 425 16.02 11.41 2.66
CA ALA A 425 16.06 11.19 1.22
C ALA A 425 14.69 11.38 0.56
N ALA A 426 13.62 11.45 1.35
CA ALA A 426 12.28 11.56 0.79
C ALA A 426 11.99 12.95 0.25
N LEU A 427 12.73 13.97 0.67
CA LEU A 427 12.48 15.33 0.18
C LEU A 427 12.96 15.45 -1.26
N PRO A 428 12.11 15.82 -2.20
CA PRO A 428 12.55 15.92 -3.59
C PRO A 428 13.33 17.17 -3.96
N HIS A 429 14.07 17.06 -5.06
CA HIS A 429 14.91 18.07 -5.71
C HIS A 429 16.29 17.54 -5.92
O1 DUV B . -5.07 -14.31 -2.50
C2 DUV B . -5.35 -13.24 -3.09
O3 DUV B . -4.65 -12.78 -4.04
C4 DUV B . -6.56 -12.45 -2.63
C5 DUV B . -7.29 -11.80 -3.81
C6 DUV B . -7.99 -12.83 -4.72
C7 DUV B . -8.79 -12.17 -5.85
C8 DUV B . -9.20 -13.21 -6.90
C9 DUV B . -9.52 -14.00 -7.73
C10 DUV B . -6.11 -11.43 -1.59
O11 DUV B . -5.71 -10.36 -1.92
#